data_3D1O
#
_entry.id   3D1O
#
_cell.length_a   45.963
_cell.length_b   138.530
_cell.length_c   80.679
_cell.angle_alpha   90.000
_cell.angle_beta   102.420
_cell.angle_gamma   90.000
#
_symmetry.space_group_name_H-M   'P 1 21 1'
#
loop_
_entity.id
_entity.type
_entity.pdbx_description
1 polymer 'Myo-inositol hexaphosphate phosphohydrolase'
2 non-polymer 'CHLORIDE ION'
3 non-polymer GLYCEROL
4 water water
#
_entity_poly.entity_id   1
_entity_poly.type   'polypeptide(L)'
_entity_poly.pdbx_seq_one_letter_code
;MGSSHHHHHHSSGLVPRGSHMAKAPEQTVTEPVGSYARAERPQDFEGFVWRLDNDGKEALPRNFRTSADALRAPEKKFHL
DAAYVPSREGMDALHISGSSAFTPAQLKNVAAKLREKTAGPIYDVDLRQESHGYLDGIPVSWYGERDWANLGKSQHEALA
DERHRLHAALHKTVYIAPLGKHKLPEGGEVRRVQKVQTEQEVAEAAGMRYFRIAATDHVWPTPENIDRFLAFYRTLPQDA
WLHFHCEAGVGRTTAFMVMTDMLKNPSVSLKDILYRQHEIGGFYYGEFPIKTKDKDSWKTKYYREKIVMIEQFYRYVQEN
RADGYQTPWSVWLKSHPAKA
;
_entity_poly.pdbx_strand_id   A,B
#
loop_
_chem_comp.id
_chem_comp.type
_chem_comp.name
_chem_comp.formula
CL non-polymer 'CHLORIDE ION' 'Cl -1'
GOL non-polymer GLYCEROL 'C3 H8 O3'
#
# COMPACT_ATOMS: atom_id res chain seq x y z
N THR A 28 15.05 -0.79 41.47
CA THR A 28 15.15 -0.25 40.07
C THR A 28 13.90 -0.39 39.20
N VAL A 29 13.38 0.74 38.73
CA VAL A 29 12.22 0.74 37.85
C VAL A 29 12.67 0.97 36.41
N THR A 30 12.28 0.09 35.51
CA THR A 30 12.71 0.22 34.12
C THR A 30 12.05 1.42 33.41
N GLU A 31 10.75 1.57 33.53
CA GLU A 31 10.12 2.75 32.91
C GLU A 31 9.16 3.40 33.90
N PRO A 32 9.35 4.68 34.20
CA PRO A 32 8.46 5.34 35.15
C PRO A 32 7.11 5.70 34.51
N VAL A 33 6.11 5.93 35.36
CA VAL A 33 4.81 6.36 34.85
C VAL A 33 5.01 7.57 33.94
N GLY A 34 4.33 7.63 32.82
CA GLY A 34 4.57 8.73 31.92
C GLY A 34 5.50 8.31 30.78
N SER A 35 6.25 7.22 30.97
CA SER A 35 7.15 6.77 29.91
C SER A 35 6.84 5.33 29.48
N TYR A 36 5.60 4.86 29.69
CA TYR A 36 5.24 3.47 29.32
C TYR A 36 5.64 3.10 27.90
N ALA A 37 5.35 3.98 26.93
CA ALA A 37 5.62 3.71 25.52
C ALA A 37 7.09 3.36 25.26
N ARG A 38 8.01 3.83 26.10
CA ARG A 38 9.43 3.49 25.92
C ARG A 38 9.65 1.98 25.93
N ALA A 39 8.70 1.24 26.53
CA ALA A 39 8.81 -0.21 26.63
C ALA A 39 8.44 -0.91 25.31
N GLU A 40 7.75 -0.21 24.42
CA GLU A 40 7.35 -0.82 23.16
C GLU A 40 8.54 -0.85 22.18
N ARG A 41 8.55 -1.83 21.28
CA ARG A 41 9.63 -1.99 20.32
C ARG A 41 9.34 -1.29 19.02
N PRO A 42 10.09 -0.23 18.73
CA PRO A 42 9.90 0.53 17.50
C PRO A 42 9.88 -0.38 16.25
N GLN A 43 10.75 -1.39 16.21
CA GLN A 43 10.83 -2.26 15.03
C GLN A 43 9.53 -2.98 14.71
N ASP A 44 8.57 -3.05 15.64
CA ASP A 44 7.36 -3.77 15.29
C ASP A 44 6.28 -2.86 14.75
N PHE A 45 6.59 -1.57 14.56
CA PHE A 45 5.58 -0.64 14.06
C PHE A 45 6.13 0.27 12.94
N GLU A 46 7.03 -0.27 12.13
CA GLU A 46 7.64 0.51 11.05
C GLU A 46 6.62 0.93 10.00
N GLY A 47 6.83 2.12 9.42
CA GLY A 47 5.93 2.62 8.41
C GLY A 47 5.89 1.75 7.17
N PHE A 48 4.74 1.73 6.50
CA PHE A 48 4.59 0.90 5.33
C PHE A 48 3.69 1.52 4.23
N VAL A 49 3.06 2.67 4.48
CA VAL A 49 2.19 3.27 3.49
C VAL A 49 1.99 4.76 3.73
N TRP A 50 1.79 5.49 2.63
CA TRP A 50 1.49 6.90 2.73
C TRP A 50 0.02 7.06 3.03
N ARG A 51 -0.31 7.30 4.28
CA ARG A 51 -1.69 7.45 4.67
C ARG A 51 -2.25 8.84 4.32
N LEU A 52 -3.47 8.88 3.79
CA LEU A 52 -4.17 10.13 3.48
C LEU A 52 -4.60 10.79 4.79
N ASP A 53 -4.08 11.99 5.10
CA ASP A 53 -4.43 12.61 6.37
C ASP A 53 -5.77 13.37 6.35
N ASN A 54 -6.18 13.85 5.19
CA ASN A 54 -7.45 14.57 5.06
C ASN A 54 -7.89 14.54 3.60
N ASP A 55 -9.14 14.18 3.30
CA ASP A 55 -9.59 14.10 1.89
C ASP A 55 -9.83 15.49 1.27
N GLY A 56 -9.70 16.55 2.07
CA GLY A 56 -9.86 17.90 1.56
C GLY A 56 -11.28 18.26 1.12
N LYS A 57 -12.30 17.56 1.55
CA LYS A 57 -13.64 17.93 1.08
C LYS A 57 -14.28 19.09 1.87
N GLU A 58 -13.99 19.22 3.15
CA GLU A 58 -14.58 20.28 3.96
C GLU A 58 -13.70 21.54 3.96
N ALA A 59 -14.31 22.66 4.30
CA ALA A 59 -13.60 23.93 4.32
C ALA A 59 -12.53 23.97 5.42
N LEU A 60 -12.81 23.26 6.50
CA LEU A 60 -11.89 23.27 7.63
C LEU A 60 -11.51 21.88 8.08
N PRO A 61 -10.41 21.78 8.84
CA PRO A 61 -10.07 20.45 9.31
C PRO A 61 -11.11 20.05 10.32
N ARG A 62 -11.12 18.77 10.72
CA ARG A 62 -12.08 18.27 11.68
C ARG A 62 -11.74 18.72 13.11
N ASN A 63 -12.75 18.68 13.98
CA ASN A 63 -12.60 19.04 15.37
C ASN A 63 -12.04 20.42 15.58
N PHE A 64 -12.29 21.32 14.64
CA PHE A 64 -11.77 22.66 14.79
C PHE A 64 -12.49 23.37 15.95
N ARG A 65 -11.74 23.93 16.88
CA ARG A 65 -12.33 24.62 18.01
C ARG A 65 -11.39 25.69 18.52
N THR A 66 -11.96 26.73 19.14
CA THR A 66 -11.15 27.79 19.75
C THR A 66 -11.58 28.03 21.22
N SER A 67 -10.71 28.65 22.00
CA SER A 67 -10.98 28.95 23.40
C SER A 67 -12.05 30.04 23.56
N ALA A 68 -12.48 30.68 22.47
CA ALA A 68 -13.55 31.66 22.57
C ALA A 68 -14.91 30.97 22.36
N ASP A 69 -14.92 29.68 22.04
CA ASP A 69 -16.20 29.00 21.74
C ASP A 69 -17.07 28.73 22.99
N ALA A 70 -18.37 28.69 22.75
CA ALA A 70 -19.31 28.39 23.83
C ALA A 70 -19.09 26.96 24.30
N LEU A 71 -19.34 26.68 25.57
CA LEU A 71 -19.20 25.32 26.03
C LEU A 71 -20.43 24.51 25.68
N ARG A 72 -20.29 23.22 25.43
CA ARG A 72 -21.44 22.40 25.11
C ARG A 72 -21.61 21.30 26.13
N ALA A 73 -22.72 20.59 26.04
CA ALA A 73 -23.00 19.48 26.93
C ALA A 73 -21.88 18.45 26.82
N PRO A 74 -21.52 17.81 27.93
CA PRO A 74 -20.43 16.82 27.88
C PRO A 74 -20.86 15.53 27.14
N GLU A 75 -19.88 14.81 26.57
CA GLU A 75 -20.19 13.56 25.89
C GLU A 75 -20.58 12.51 26.92
N LYS A 76 -21.62 11.75 26.63
CA LYS A 76 -22.10 10.73 27.56
C LYS A 76 -21.00 9.74 27.97
N LYS A 77 -20.14 9.36 27.04
CA LYS A 77 -19.13 8.35 27.36
C LYS A 77 -18.25 8.75 28.56
N PHE A 78 -18.16 10.04 28.89
CA PHE A 78 -17.29 10.44 29.99
C PHE A 78 -17.99 10.45 31.35
N HIS A 79 -19.30 10.20 31.36
CA HIS A 79 -20.07 10.19 32.61
C HIS A 79 -19.76 11.40 33.48
N LEU A 80 -19.91 12.57 32.90
CA LEU A 80 -19.71 13.81 33.63
C LEU A 80 -21.04 14.39 34.04
N ASP A 81 -20.97 15.43 34.86
CA ASP A 81 -22.14 16.15 35.37
C ASP A 81 -22.60 17.20 34.36
N ALA A 82 -23.68 16.90 33.67
CA ALA A 82 -24.23 17.81 32.68
C ALA A 82 -24.77 19.09 33.35
N ALA A 83 -25.01 19.04 34.66
CA ALA A 83 -25.52 20.21 35.36
C ALA A 83 -24.41 21.15 35.72
N TYR A 84 -23.17 20.65 35.75
CA TYR A 84 -22.05 21.49 36.14
C TYR A 84 -21.78 22.65 35.14
N VAL A 85 -21.54 23.84 35.67
CA VAL A 85 -21.19 25.00 34.86
C VAL A 85 -19.73 25.41 35.13
N PRO A 86 -18.82 25.01 34.23
CA PRO A 86 -17.39 25.30 34.36
C PRO A 86 -17.11 26.78 34.27
N SER A 87 -16.15 27.24 35.05
CA SER A 87 -15.71 28.62 35.01
C SER A 87 -15.04 28.91 33.67
N ARG A 88 -15.28 30.09 33.12
CA ARG A 88 -14.65 30.48 31.86
C ARG A 88 -13.54 31.48 32.12
N GLU A 89 -13.20 31.67 33.39
CA GLU A 89 -12.15 32.59 33.77
C GLU A 89 -10.87 32.37 32.94
N GLY A 90 -10.43 33.40 32.22
CA GLY A 90 -9.21 33.31 31.43
C GLY A 90 -9.39 32.81 30.00
N MET A 91 -10.56 32.30 29.64
CA MET A 91 -10.72 31.76 28.30
C MET A 91 -10.67 32.82 27.21
N ASP A 92 -11.25 33.99 27.43
CA ASP A 92 -11.25 35.01 26.40
C ASP A 92 -9.85 35.48 26.07
N ALA A 93 -8.94 35.36 27.03
CA ALA A 93 -7.56 35.79 26.78
C ALA A 93 -6.65 34.59 26.47
N LEU A 94 -7.18 33.37 26.53
CA LEU A 94 -6.36 32.16 26.30
C LEU A 94 -5.73 32.16 24.90
N HIS A 95 -6.53 32.42 23.86
CA HIS A 95 -6.01 32.52 22.49
C HIS A 95 -5.37 31.22 21.96
N ILE A 96 -6.13 30.13 22.01
CA ILE A 96 -5.68 28.86 21.46
C ILE A 96 -6.84 28.20 20.70
N SER A 97 -6.44 27.28 19.82
CA SER A 97 -7.36 26.52 19.03
C SER A 97 -6.79 25.13 18.76
N GLY A 98 -7.62 24.24 18.23
CA GLY A 98 -7.14 22.89 17.93
C GLY A 98 -7.88 22.29 16.74
N SER A 99 -7.29 21.27 16.13
CA SER A 99 -7.90 20.63 14.98
C SER A 99 -7.12 19.42 14.56
N SER A 100 -7.70 18.75 13.58
CA SER A 100 -7.06 17.60 12.96
C SER A 100 -6.08 18.11 11.89
N ALA A 101 -5.48 17.17 11.17
CA ALA A 101 -4.61 17.52 10.06
C ALA A 101 -5.44 18.21 8.98
N PHE A 102 -4.80 18.81 7.99
CA PHE A 102 -5.53 19.58 7.00
C PHE A 102 -4.83 19.63 5.67
N THR A 103 -5.56 20.05 4.66
CA THR A 103 -4.97 20.30 3.36
C THR A 103 -4.43 21.73 3.38
N PRO A 104 -3.58 22.11 2.43
CA PRO A 104 -3.11 23.49 2.49
C PRO A 104 -4.27 24.48 2.44
N ALA A 105 -5.28 24.22 1.61
CA ALA A 105 -6.41 25.14 1.53
C ALA A 105 -7.13 25.26 2.87
N GLN A 106 -7.34 24.14 3.56
CA GLN A 106 -8.02 24.18 4.84
C GLN A 106 -7.24 25.01 5.85
N LEU A 107 -5.90 24.90 5.83
CA LEU A 107 -5.09 25.67 6.78
C LEU A 107 -5.27 27.18 6.52
N LYS A 108 -5.33 27.58 5.25
CA LYS A 108 -5.57 28.99 4.92
C LYS A 108 -6.92 29.44 5.47
N ASN A 109 -7.93 28.56 5.42
CA ASN A 109 -9.21 28.95 6.00
C ASN A 109 -9.09 29.12 7.50
N VAL A 110 -8.28 28.25 8.13
CA VAL A 110 -8.06 28.34 9.57
C VAL A 110 -7.35 29.66 9.91
N ALA A 111 -6.28 29.95 9.18
CA ALA A 111 -5.48 31.15 9.42
C ALA A 111 -6.32 32.43 9.26
N ALA A 112 -7.22 32.44 8.28
CA ALA A 112 -8.08 33.59 8.04
C ALA A 112 -9.04 33.79 9.17
N LYS A 113 -9.62 32.69 9.65
CA LYS A 113 -10.54 32.74 10.75
C LYS A 113 -9.86 33.22 12.01
N LEU A 114 -8.64 32.72 12.24
CA LEU A 114 -7.91 33.10 13.44
C LEU A 114 -7.46 34.58 13.38
N ARG A 115 -7.10 35.04 12.18
CA ARG A 115 -6.67 36.43 12.02
C ARG A 115 -7.79 37.41 12.42
N GLU A 116 -9.04 36.94 12.38
CA GLU A 116 -10.15 37.79 12.77
C GLU A 116 -10.25 37.89 14.28
N LYS A 117 -9.51 37.07 15.02
CA LYS A 117 -9.58 37.08 16.50
C LYS A 117 -8.32 37.67 17.15
N THR A 118 -7.30 37.97 16.36
CA THR A 118 -6.07 38.48 16.95
C THR A 118 -5.24 39.29 15.96
N ALA A 119 -4.34 40.09 16.50
CA ALA A 119 -3.39 40.87 15.71
C ALA A 119 -1.97 40.42 16.04
N GLY A 120 -1.89 39.36 16.84
CA GLY A 120 -0.60 38.82 17.22
C GLY A 120 -0.11 37.73 16.25
N PRO A 121 1.09 37.18 16.45
CA PRO A 121 1.48 36.14 15.49
C PRO A 121 0.65 34.86 15.72
N ILE A 122 0.33 34.16 14.65
CA ILE A 122 -0.46 32.92 14.70
C ILE A 122 0.41 31.72 14.41
N TYR A 123 0.53 30.82 15.38
CA TYR A 123 1.42 29.69 15.26
C TYR A 123 0.72 28.39 14.92
N ASP A 124 1.26 27.69 13.94
CA ASP A 124 0.82 26.34 13.67
C ASP A 124 1.65 25.42 14.57
N VAL A 125 1.10 24.92 15.66
CA VAL A 125 1.89 24.03 16.53
C VAL A 125 1.61 22.57 16.14
N ASP A 126 2.54 22.03 15.37
CA ASP A 126 2.48 20.67 14.82
C ASP A 126 2.98 19.69 15.85
N LEU A 127 2.09 18.85 16.36
CA LEU A 127 2.43 17.91 17.44
C LEU A 127 2.69 16.48 16.95
N ARG A 128 2.86 16.31 15.64
CA ARG A 128 2.99 14.96 15.10
C ARG A 128 4.42 14.45 15.03
N GLN A 129 4.70 13.40 15.80
CA GLN A 129 6.01 12.75 15.69
C GLN A 129 6.10 12.02 14.32
N GLU A 130 4.97 11.47 13.88
CA GLU A 130 4.99 10.74 12.61
C GLU A 130 5.44 11.64 11.45
N SER A 131 6.20 11.05 10.53
CA SER A 131 6.67 11.79 9.35
C SER A 131 5.49 12.12 8.44
N HIS A 132 5.33 13.41 8.14
CA HIS A 132 4.23 13.80 7.29
C HIS A 132 4.60 14.99 6.40
N GLY A 133 3.70 15.28 5.46
CA GLY A 133 3.92 16.37 4.54
C GLY A 133 2.83 16.46 3.49
N TYR A 134 3.21 17.00 2.33
CA TYR A 134 2.26 17.21 1.24
C TYR A 134 2.86 16.79 -0.10
N LEU A 135 2.17 15.85 -0.73
CA LEU A 135 2.52 15.33 -2.04
C LEU A 135 1.50 15.85 -3.04
N ASP A 136 1.95 16.73 -3.94
CA ASP A 136 1.04 17.38 -4.88
C ASP A 136 -0.11 18.06 -4.13
N GLY A 137 0.20 18.65 -2.97
CA GLY A 137 -0.81 19.36 -2.19
C GLY A 137 -1.63 18.47 -1.28
N ILE A 138 -1.48 17.16 -1.44
CA ILE A 138 -2.22 16.20 -0.63
C ILE A 138 -1.50 15.93 0.68
N PRO A 139 -2.17 16.14 1.83
CA PRO A 139 -1.57 15.89 3.16
C PRO A 139 -1.45 14.39 3.42
N VAL A 140 -0.22 13.90 3.59
CA VAL A 140 0.01 12.49 3.82
C VAL A 140 0.97 12.26 4.99
N SER A 141 0.98 11.04 5.48
CA SER A 141 1.88 10.67 6.55
C SER A 141 2.42 9.26 6.34
N TRP A 142 3.65 9.00 6.79
CA TRP A 142 4.18 7.66 6.66
C TRP A 142 3.68 6.85 7.86
N TYR A 143 2.70 6.01 7.57
CA TYR A 143 1.98 5.25 8.56
C TYR A 143 2.53 3.86 8.83
N GLY A 144 2.75 3.67 10.13
CA GLY A 144 3.13 2.37 10.68
C GLY A 144 2.01 1.91 11.62
N GLU A 145 1.93 0.63 11.95
CA GLU A 145 0.90 0.17 12.86
C GLU A 145 0.80 1.07 14.12
N ARG A 146 -0.43 1.40 14.52
CA ARG A 146 -0.71 2.28 15.67
C ARG A 146 -0.19 3.71 15.39
N ASP A 147 0.18 4.00 14.14
CA ASP A 147 0.77 5.30 13.78
C ASP A 147 2.08 5.54 14.55
N TRP A 148 2.86 4.46 14.75
CA TRP A 148 4.10 4.53 15.50
C TRP A 148 5.35 4.34 14.63
N ALA A 149 5.35 4.86 13.41
CA ALA A 149 6.51 4.71 12.51
C ALA A 149 7.78 5.43 13.03
N ASN A 150 7.64 6.43 13.91
CA ASN A 150 8.81 7.13 14.46
C ASN A 150 8.95 6.93 15.96
N LEU A 151 8.31 5.89 16.47
CA LEU A 151 8.37 5.60 17.89
C LEU A 151 9.81 5.50 18.34
N GLY A 152 10.14 6.12 19.45
CA GLY A 152 11.49 5.92 19.97
C GLY A 152 12.53 6.83 19.35
N LYS A 153 12.27 7.47 18.21
CA LYS A 153 13.26 8.36 17.60
C LYS A 153 13.33 9.71 18.29
N SER A 154 14.54 10.28 18.39
CA SER A 154 14.64 11.65 18.92
C SER A 154 13.94 12.61 17.92
N GLN A 155 13.62 13.82 18.32
CA GLN A 155 12.98 14.72 17.38
C GLN A 155 13.89 14.96 16.16
N HIS A 156 15.19 15.08 16.42
CA HIS A 156 16.21 15.26 15.38
C HIS A 156 16.12 14.10 14.35
N GLU A 157 16.04 12.87 14.83
CA GLU A 157 15.94 11.71 13.95
C GLU A 157 14.57 11.63 13.25
N ALA A 158 13.49 11.97 13.94
CA ALA A 158 12.17 11.93 13.32
C ALA A 158 12.10 12.94 12.17
N LEU A 159 12.60 14.16 12.39
CA LEU A 159 12.55 15.18 11.34
C LEU A 159 13.46 14.82 10.17
N ALA A 160 14.57 14.16 10.44
CA ALA A 160 15.43 13.77 9.32
C ALA A 160 14.75 12.70 8.46
N ASP A 161 14.05 11.76 9.10
CA ASP A 161 13.33 10.71 8.39
C ASP A 161 12.28 11.32 7.46
N GLU A 162 11.56 12.30 7.98
CA GLU A 162 10.51 12.99 7.27
C GLU A 162 11.08 13.74 6.05
N ARG A 163 12.19 14.44 6.24
CA ARG A 163 12.80 15.19 5.14
C ARG A 163 13.25 14.26 4.03
N HIS A 164 13.93 13.19 4.41
CA HIS A 164 14.45 12.22 3.44
C HIS A 164 13.32 11.55 2.69
N ARG A 165 12.33 11.13 3.45
CA ARG A 165 11.22 10.42 2.88
C ARG A 165 10.40 11.31 1.93
N LEU A 166 10.21 12.57 2.28
CA LEU A 166 9.44 13.45 1.42
C LEU A 166 10.22 13.73 0.17
N HIS A 167 11.49 14.02 0.36
CA HIS A 167 12.30 14.30 -0.81
C HIS A 167 12.37 13.10 -1.76
N ALA A 168 12.43 11.88 -1.24
CA ALA A 168 12.53 10.71 -2.13
C ALA A 168 11.22 10.47 -2.92
N ALA A 169 10.13 11.10 -2.51
CA ALA A 169 8.88 10.90 -3.21
C ALA A 169 8.81 11.68 -4.52
N LEU A 170 9.56 12.77 -4.61
CA LEU A 170 9.54 13.63 -5.78
C LEU A 170 9.88 12.88 -7.08
N HIS A 171 9.01 13.03 -8.06
CA HIS A 171 9.13 12.41 -9.38
C HIS A 171 8.97 10.90 -9.31
N LYS A 172 8.53 10.40 -8.17
CA LYS A 172 8.35 8.97 -8.03
C LYS A 172 6.89 8.62 -7.94
N THR A 173 6.57 7.37 -8.27
CA THR A 173 5.21 6.90 -8.20
C THR A 173 4.91 6.48 -6.78
N VAL A 174 3.81 6.97 -6.22
CA VAL A 174 3.44 6.59 -4.86
C VAL A 174 1.98 6.15 -4.75
N TYR A 175 1.70 5.45 -3.67
CA TYR A 175 0.34 4.99 -3.36
C TYR A 175 -0.10 5.67 -2.07
N ILE A 176 -1.13 6.50 -2.20
CA ILE A 176 -1.69 7.25 -1.09
C ILE A 176 -3.06 6.69 -0.79
N ALA A 177 -3.31 6.34 0.45
CA ALA A 177 -4.62 5.75 0.71
C ALA A 177 -5.11 5.99 2.10
N PRO A 178 -6.42 6.01 2.25
CA PRO A 178 -7.01 6.20 3.57
C PRO A 178 -7.02 4.84 4.26
N LEU A 179 -7.21 4.76 5.58
CA LEU A 179 -7.28 3.47 6.25
C LEU A 179 -8.73 3.07 6.45
N GLY A 180 -9.01 1.79 6.31
CA GLY A 180 -10.39 1.43 6.48
C GLY A 180 -10.52 0.30 7.44
N LYS A 181 -10.96 -0.84 6.89
CA LYS A 181 -11.11 -2.00 7.70
C LYS A 181 -9.77 -2.31 8.33
N HIS A 182 -9.84 -2.27 9.67
CA HIS A 182 -8.81 -2.58 10.64
C HIS A 182 -7.45 -1.91 10.42
N LYS A 183 -7.49 -0.60 10.23
CA LYS A 183 -6.28 0.21 10.07
C LYS A 183 -5.39 -0.22 8.90
N LEU A 184 -5.99 -0.78 7.85
CA LEU A 184 -5.23 -1.15 6.66
C LEU A 184 -5.73 -0.36 5.45
N PRO A 185 -4.84 -0.06 4.49
CA PRO A 185 -5.17 0.69 3.28
C PRO A 185 -6.44 0.16 2.61
N GLU A 186 -7.26 1.11 2.18
CA GLU A 186 -8.49 0.77 1.48
C GLU A 186 -8.68 1.72 0.32
N GLY A 187 -8.55 1.24 -0.91
CA GLY A 187 -8.72 2.12 -2.06
C GLY A 187 -7.57 3.12 -2.18
N GLY A 188 -7.88 4.38 -2.42
CA GLY A 188 -6.83 5.38 -2.50
C GLY A 188 -6.46 5.75 -3.92
N GLU A 189 -5.20 6.08 -4.15
CA GLU A 189 -4.82 6.46 -5.50
C GLU A 189 -3.32 6.34 -5.72
N VAL A 190 -2.94 6.23 -6.99
CA VAL A 190 -1.56 6.12 -7.37
C VAL A 190 -1.18 7.35 -8.17
N ARG A 191 -0.02 7.93 -7.91
CA ARG A 191 0.34 9.08 -8.70
C ARG A 191 1.81 9.28 -8.72
N ARG A 192 2.25 9.93 -9.78
CA ARG A 192 3.64 10.29 -9.94
C ARG A 192 3.77 11.71 -9.44
N VAL A 193 4.41 11.86 -8.27
CA VAL A 193 4.53 13.17 -7.57
C VAL A 193 5.34 14.23 -8.33
N GLN A 194 4.79 15.42 -8.44
CA GLN A 194 5.48 16.52 -9.12
C GLN A 194 5.87 17.63 -8.16
N LYS A 195 5.33 17.61 -6.94
CA LYS A 195 5.65 18.64 -5.96
C LYS A 195 5.66 18.09 -4.54
N VAL A 196 6.68 18.45 -3.80
CA VAL A 196 6.78 18.00 -2.42
C VAL A 196 6.89 19.19 -1.48
N GLN A 197 6.14 19.16 -0.38
CA GLN A 197 6.25 20.25 0.60
C GLN A 197 6.18 19.75 2.05
N THR A 198 6.90 20.44 2.91
CA THR A 198 6.82 20.13 4.33
C THR A 198 5.65 20.94 4.93
N GLU A 199 5.21 20.58 6.14
CA GLU A 199 4.15 21.34 6.79
C GLU A 199 4.62 22.77 7.10
N GLN A 200 5.90 22.90 7.47
CA GLN A 200 6.46 24.23 7.75
C GLN A 200 6.24 25.17 6.56
N GLU A 201 6.52 24.68 5.35
CA GLU A 201 6.30 25.50 4.15
C GLU A 201 4.83 25.82 3.98
N VAL A 202 3.97 24.83 4.16
CA VAL A 202 2.54 25.06 4.02
C VAL A 202 2.03 26.06 5.07
N ALA A 203 2.57 25.97 6.29
CA ALA A 203 2.16 26.90 7.35
C ALA A 203 2.60 28.31 7.00
N GLU A 204 3.84 28.43 6.56
CA GLU A 204 4.35 29.74 6.20
C GLU A 204 3.54 30.31 5.04
N ALA A 205 3.21 29.48 4.07
CA ALA A 205 2.41 29.95 2.94
C ALA A 205 1.04 30.43 3.39
N ALA A 206 0.61 30.03 4.59
CA ALA A 206 -0.69 30.45 5.06
C ALA A 206 -0.57 31.64 6.03
N GLY A 207 0.61 32.19 6.20
CA GLY A 207 0.74 33.31 7.13
C GLY A 207 0.88 32.87 8.60
N MET A 208 1.28 31.63 8.88
CA MET A 208 1.44 31.20 10.27
C MET A 208 2.88 30.88 10.58
N ARG A 209 3.28 31.13 11.81
CA ARG A 209 4.61 30.71 12.21
C ARG A 209 4.50 29.21 12.45
N TYR A 210 5.61 28.48 12.41
CA TYR A 210 5.51 27.06 12.59
C TYR A 210 6.33 26.59 13.77
N PHE A 211 5.78 25.68 14.58
CA PHE A 211 6.57 25.12 15.68
C PHE A 211 6.24 23.64 15.83
N ARG A 212 7.26 22.81 15.72
CA ARG A 212 7.09 21.37 15.76
C ARG A 212 7.50 20.72 17.10
N ILE A 213 6.59 19.89 17.60
CA ILE A 213 6.75 19.06 18.80
C ILE A 213 6.43 17.62 18.38
N ALA A 214 7.46 16.79 18.26
CA ALA A 214 7.28 15.45 17.74
C ALA A 214 6.74 14.48 18.77
N ALA A 215 5.43 14.57 19.06
CA ALA A 215 4.77 13.72 20.04
C ALA A 215 4.18 12.46 19.38
N THR A 216 4.38 11.32 20.04
CA THR A 216 3.90 10.05 19.55
C THR A 216 2.39 9.94 19.70
N ASP A 217 1.74 9.45 18.66
CA ASP A 217 0.30 9.25 18.63
C ASP A 217 -0.16 8.31 19.75
N HIS A 218 -1.32 8.63 20.35
CA HIS A 218 -2.01 7.80 21.39
C HIS A 218 -1.42 7.79 22.79
N VAL A 219 -0.28 8.45 23.05
CA VAL A 219 0.27 8.37 24.39
C VAL A 219 0.56 9.75 24.96
N TRP A 220 0.93 9.78 26.24
CA TRP A 220 1.25 11.01 26.94
C TRP A 220 2.54 11.63 26.39
N PRO A 221 2.54 12.91 26.07
CA PRO A 221 3.78 13.53 25.53
C PRO A 221 4.96 13.25 26.48
N THR A 222 6.14 13.04 25.90
CA THR A 222 7.34 12.68 26.70
C THR A 222 7.94 13.88 27.46
N PRO A 223 8.83 13.61 28.45
CA PRO A 223 9.42 14.74 29.16
C PRO A 223 10.11 15.68 28.17
N GLU A 224 10.76 15.11 27.15
CA GLU A 224 11.41 15.98 26.18
C GLU A 224 10.40 16.78 25.37
N ASN A 225 9.26 16.19 25.01
CA ASN A 225 8.25 16.96 24.25
C ASN A 225 7.78 18.17 25.07
N ILE A 226 7.49 17.92 26.34
CA ILE A 226 6.96 18.97 27.19
C ILE A 226 8.01 20.02 27.53
N ASP A 227 9.26 19.60 27.82
CA ASP A 227 10.30 20.59 28.10
C ASP A 227 10.41 21.53 26.92
N ARG A 228 10.33 20.97 25.71
CA ARG A 228 10.44 21.77 24.51
C ARG A 228 9.28 22.74 24.43
N PHE A 229 8.09 22.24 24.71
CA PHE A 229 6.92 23.10 24.64
C PHE A 229 7.03 24.26 25.61
N LEU A 230 7.41 23.94 26.86
CA LEU A 230 7.55 24.93 27.94
C LEU A 230 8.55 26.03 27.60
N ALA A 231 9.71 25.66 27.07
CA ALA A 231 10.71 26.68 26.68
C ALA A 231 10.12 27.59 25.56
N PHE A 232 9.38 26.96 24.66
CA PHE A 232 8.75 27.70 23.57
C PHE A 232 7.68 28.64 24.14
N TYR A 233 6.88 28.15 25.07
CA TYR A 233 5.82 28.96 25.66
C TYR A 233 6.37 30.21 26.36
N ARG A 234 7.49 30.02 27.06
CA ARG A 234 8.12 31.10 27.82
C ARG A 234 8.43 32.32 26.96
N THR A 235 8.82 32.12 25.71
CA THR A 235 9.17 33.31 24.96
C THR A 235 8.11 33.79 23.97
N LEU A 236 6.89 33.31 24.08
CA LEU A 236 5.89 33.79 23.14
C LEU A 236 5.47 35.23 23.43
N PRO A 237 5.14 35.99 22.38
CA PRO A 237 4.69 37.33 22.75
C PRO A 237 3.31 37.22 23.40
N GLN A 238 2.92 38.22 24.17
CA GLN A 238 1.66 38.18 24.88
C GLN A 238 0.44 37.88 24.00
N ASP A 239 0.42 38.43 22.78
CA ASP A 239 -0.72 38.25 21.89
C ASP A 239 -0.54 37.06 20.92
N ALA A 240 0.38 36.16 21.22
CA ALA A 240 0.55 35.01 20.34
C ALA A 240 -0.71 34.12 20.39
N TRP A 241 -1.12 33.59 19.25
CA TRP A 241 -2.25 32.66 19.22
C TRP A 241 -1.72 31.28 18.84
N LEU A 242 -2.03 30.25 19.62
CA LEU A 242 -1.49 28.91 19.33
C LEU A 242 -2.55 27.97 18.74
N HIS A 243 -2.32 27.56 17.49
CA HIS A 243 -3.20 26.59 16.87
C HIS A 243 -2.54 25.25 16.89
N PHE A 244 -3.01 24.41 17.81
CA PHE A 244 -2.49 23.06 17.98
C PHE A 244 -3.21 22.07 17.05
N HIS A 245 -2.48 21.01 16.68
CA HIS A 245 -3.07 19.97 15.87
C HIS A 245 -2.19 18.75 15.82
N CYS A 246 -2.85 17.61 15.66
CA CYS A 246 -2.22 16.33 15.49
C CYS A 246 -2.83 15.69 14.25
N GLU A 247 -3.06 14.38 14.23
CA GLU A 247 -3.65 13.79 13.04
C GLU A 247 -5.18 13.91 13.09
N ALA A 248 -5.77 13.44 14.18
CA ALA A 248 -7.24 13.48 14.31
C ALA A 248 -7.71 14.71 15.13
N GLY A 249 -6.77 15.36 15.83
CA GLY A 249 -7.10 16.51 16.63
C GLY A 249 -7.73 16.16 17.97
N VAL A 250 -7.53 14.96 18.51
CA VAL A 250 -8.18 14.67 19.80
C VAL A 250 -7.18 14.52 20.94
N GLY A 251 -6.43 13.42 20.96
CA GLY A 251 -5.51 13.12 22.05
C GLY A 251 -4.43 14.17 22.32
N ARG A 252 -3.44 14.21 21.43
CA ARG A 252 -2.30 15.11 21.59
C ARG A 252 -2.75 16.57 21.58
N THR A 253 -3.66 16.89 20.67
CA THR A 253 -4.13 18.26 20.59
C THR A 253 -4.77 18.69 21.91
N THR A 254 -5.67 17.89 22.48
CA THR A 254 -6.26 18.34 23.73
C THR A 254 -5.22 18.39 24.88
N ALA A 255 -4.27 17.45 24.91
CA ALA A 255 -3.26 17.46 25.98
C ALA A 255 -2.50 18.82 26.03
N PHE A 256 -2.03 19.29 24.87
CA PHE A 256 -1.32 20.57 24.87
C PHE A 256 -2.28 21.77 25.07
N MET A 257 -3.53 21.65 24.62
CA MET A 257 -4.46 22.73 24.89
C MET A 257 -4.67 22.84 26.41
N VAL A 258 -4.81 21.69 27.07
CA VAL A 258 -4.97 21.67 28.52
C VAL A 258 -3.73 22.22 29.22
N MET A 259 -2.55 21.74 28.82
CA MET A 259 -1.31 22.26 29.43
C MET A 259 -1.24 23.79 29.27
N THR A 260 -1.55 24.27 28.08
CA THR A 260 -1.49 25.72 27.87
C THR A 260 -2.47 26.44 28.81
N ASP A 261 -3.70 25.92 28.90
CA ASP A 261 -4.74 26.50 29.74
C ASP A 261 -4.27 26.52 31.21
N MET A 262 -3.63 25.44 31.65
CA MET A 262 -3.13 25.40 33.04
C MET A 262 -2.00 26.43 33.27
N LEU A 263 -1.07 26.51 32.34
CA LEU A 263 0.02 27.46 32.48
C LEU A 263 -0.47 28.91 32.49
N LYS A 264 -1.35 29.25 31.57
CA LYS A 264 -1.82 30.63 31.43
C LYS A 264 -2.89 31.01 32.43
N ASN A 265 -3.59 30.03 32.98
CA ASN A 265 -4.67 30.29 33.95
C ASN A 265 -4.52 29.39 35.18
N PRO A 266 -3.39 29.53 35.91
CA PRO A 266 -3.05 28.75 37.09
C PRO A 266 -4.06 28.86 38.24
N SER A 267 -4.91 29.88 38.26
CA SER A 267 -5.86 29.96 39.34
C SER A 267 -7.09 29.12 39.06
N VAL A 268 -7.22 28.60 37.84
CA VAL A 268 -8.43 27.84 37.54
C VAL A 268 -8.30 26.42 38.03
N SER A 269 -9.35 25.89 38.64
CA SER A 269 -9.31 24.53 39.16
C SER A 269 -9.13 23.49 38.04
N LEU A 270 -8.53 22.36 38.42
CA LEU A 270 -8.29 21.25 37.53
C LEU A 270 -9.60 20.81 36.89
N LYS A 271 -10.62 20.67 37.72
CA LYS A 271 -11.92 20.28 37.20
C LYS A 271 -12.39 21.24 36.10
N ASP A 272 -12.31 22.54 36.38
CA ASP A 272 -12.74 23.52 35.39
C ASP A 272 -11.89 23.43 34.11
N ILE A 273 -10.57 23.30 34.23
CA ILE A 273 -9.79 23.18 33.01
C ILE A 273 -10.21 21.95 32.20
N LEU A 274 -10.28 20.80 32.85
CA LEU A 274 -10.64 19.58 32.14
C LEU A 274 -12.03 19.63 31.51
N TYR A 275 -13.03 20.13 32.25
CA TYR A 275 -14.40 20.19 31.69
C TYR A 275 -14.47 21.15 30.48
N ARG A 276 -13.93 22.35 30.64
CA ARG A 276 -14.04 23.36 29.58
C ARG A 276 -13.28 22.97 28.33
N GLN A 277 -12.11 22.35 28.47
CA GLN A 277 -11.38 21.95 27.27
C GLN A 277 -12.12 20.83 26.54
N HIS A 278 -12.86 20.03 27.30
CA HIS A 278 -13.69 18.97 26.72
C HIS A 278 -14.98 19.57 26.11
N GLU A 279 -15.61 20.49 26.85
CA GLU A 279 -16.88 21.07 26.39
C GLU A 279 -16.76 22.05 25.20
N ILE A 280 -15.55 22.48 24.83
CA ILE A 280 -15.45 23.26 23.61
C ILE A 280 -15.15 22.32 22.43
N GLY A 281 -15.11 21.01 22.71
CA GLY A 281 -14.91 20.06 21.62
C GLY A 281 -13.65 19.21 21.75
N GLY A 282 -13.00 19.19 22.90
CA GLY A 282 -11.80 18.38 23.03
C GLY A 282 -12.08 17.09 23.79
N PHE A 283 -11.02 16.34 24.03
CA PHE A 283 -11.12 15.12 24.80
C PHE A 283 -11.31 15.47 26.27
N TYR A 284 -11.85 14.56 27.07
CA TYR A 284 -11.94 14.81 28.52
C TYR A 284 -10.77 14.04 29.17
N TYR A 285 -9.89 14.78 29.84
CA TYR A 285 -8.67 14.21 30.40
C TYR A 285 -8.73 13.86 31.88
N GLY A 286 -9.93 13.72 32.45
CA GLY A 286 -10.08 13.31 33.84
C GLY A 286 -10.49 11.83 33.92
N GLU A 287 -10.68 11.30 35.12
CA GLU A 287 -11.06 9.90 35.22
C GLU A 287 -12.42 9.68 34.60
N PHE A 288 -12.57 8.57 33.89
CA PHE A 288 -13.82 8.17 33.29
C PHE A 288 -13.82 6.67 33.08
N PRO A 289 -14.98 6.07 32.84
CA PRO A 289 -14.94 4.62 32.64
C PRO A 289 -14.37 4.26 31.27
N ILE A 290 -13.10 3.87 31.25
CA ILE A 290 -12.45 3.51 30.00
C ILE A 290 -13.04 2.20 29.42
N LYS A 291 -13.36 2.22 28.15
CA LYS A 291 -13.89 1.05 27.48
C LYS A 291 -13.23 0.93 26.12
N THR A 292 -12.77 -0.26 25.75
CA THR A 292 -12.05 -0.41 24.50
C THR A 292 -12.45 -1.68 23.75
N LYS A 293 -12.56 -1.59 22.43
CA LYS A 293 -12.84 -2.79 21.66
C LYS A 293 -11.68 -3.76 21.87
N ASP A 294 -11.94 -5.05 21.83
CA ASP A 294 -10.89 -6.05 22.02
C ASP A 294 -9.63 -5.73 21.24
N LYS A 295 -9.79 -5.32 19.99
CA LYS A 295 -8.68 -5.00 19.09
C LYS A 295 -7.93 -3.72 19.55
N ASP A 296 -8.57 -2.94 20.40
CA ASP A 296 -7.99 -1.69 20.91
C ASP A 296 -7.65 -1.79 22.42
N SER A 297 -7.60 -3.00 22.98
CA SER A 297 -7.32 -3.14 24.41
C SER A 297 -5.94 -2.59 24.79
N TRP A 298 -5.02 -2.51 23.83
CA TRP A 298 -3.68 -2.00 24.14
C TRP A 298 -3.74 -0.53 24.57
N LYS A 299 -4.79 0.18 24.20
CA LYS A 299 -4.90 1.60 24.50
C LYS A 299 -5.22 1.90 25.95
N THR A 300 -5.86 0.97 26.64
CA THR A 300 -6.32 1.15 28.02
C THR A 300 -5.26 1.68 28.95
N LYS A 301 -4.11 1.04 29.04
CA LYS A 301 -3.11 1.55 29.98
C LYS A 301 -2.60 2.92 29.56
N TYR A 302 -2.67 3.26 28.26
CA TYR A 302 -2.18 4.55 27.84
C TYR A 302 -3.15 5.65 28.24
N TYR A 303 -4.44 5.31 28.22
CA TYR A 303 -5.47 6.24 28.67
C TYR A 303 -5.35 6.48 30.18
N ARG A 304 -5.08 5.41 30.94
CA ARG A 304 -4.92 5.59 32.39
C ARG A 304 -3.68 6.44 32.70
N GLU A 305 -2.60 6.17 31.97
CA GLU A 305 -1.36 6.91 32.17
C GLU A 305 -1.60 8.38 31.89
N LYS A 306 -2.35 8.67 30.83
CA LYS A 306 -2.62 10.06 30.52
C LYS A 306 -3.39 10.75 31.64
N ILE A 307 -4.31 10.04 32.27
CA ILE A 307 -5.10 10.64 33.34
C ILE A 307 -4.18 11.03 34.50
N VAL A 308 -3.29 10.12 34.83
CA VAL A 308 -2.38 10.35 35.91
C VAL A 308 -1.38 11.47 35.58
N MET A 309 -0.90 11.49 34.34
CA MET A 309 0.09 12.49 33.97
C MET A 309 -0.51 13.92 33.89
N ILE A 310 -1.79 14.01 33.50
CA ILE A 310 -2.47 15.32 33.45
C ILE A 310 -2.45 15.95 34.84
N GLU A 311 -2.78 15.13 35.83
CA GLU A 311 -2.79 15.54 37.22
C GLU A 311 -1.37 15.93 37.66
N GLN A 312 -0.40 15.10 37.28
CA GLN A 312 0.98 15.38 37.65
C GLN A 312 1.47 16.70 37.01
N PHE A 313 1.00 17.01 35.80
CA PHE A 313 1.44 18.27 35.17
C PHE A 313 0.79 19.46 35.88
N TYR A 314 -0.49 19.31 36.24
CA TYR A 314 -1.17 20.38 36.97
C TYR A 314 -0.38 20.68 38.24
N ARG A 315 0.04 19.62 38.92
CA ARG A 315 0.84 19.76 40.13
C ARG A 315 2.16 20.50 39.83
N TYR A 316 2.81 20.17 38.72
CA TYR A 316 4.04 20.85 38.33
C TYR A 316 3.80 22.34 38.17
N VAL A 317 2.71 22.69 37.49
CA VAL A 317 2.38 24.09 37.27
C VAL A 317 2.13 24.84 38.61
N GLN A 318 1.38 24.23 39.52
CA GLN A 318 1.06 24.86 40.80
C GLN A 318 2.30 25.04 41.67
N GLU A 319 3.21 24.05 41.63
CA GLU A 319 4.39 24.13 42.50
C GLU A 319 5.59 24.82 41.89
N ASN A 320 5.58 25.18 40.61
CA ASN A 320 6.77 25.81 40.05
C ASN A 320 6.51 27.18 39.45
N ARG A 321 5.27 27.64 39.48
CA ARG A 321 4.99 28.94 38.88
C ARG A 321 5.59 30.12 39.67
N ALA A 322 5.56 30.07 41.00
CA ALA A 322 6.04 31.16 41.84
C ALA A 322 7.50 31.55 41.55
N ASP A 323 8.35 30.60 41.17
CA ASP A 323 9.72 31.02 40.91
C ASP A 323 9.98 31.13 39.43
N GLY A 324 8.89 31.14 38.66
CA GLY A 324 9.02 31.28 37.22
C GLY A 324 9.58 30.04 36.52
N TYR A 325 9.22 28.87 37.02
CA TYR A 325 9.65 27.60 36.41
C TYR A 325 11.14 27.46 36.26
N GLN A 326 11.89 27.73 37.31
CA GLN A 326 13.34 27.57 37.21
C GLN A 326 13.68 26.12 36.91
N THR A 327 12.88 25.19 37.45
CA THR A 327 13.12 23.74 37.28
C THR A 327 12.34 23.19 36.09
N PRO A 328 13.05 22.62 35.08
CA PRO A 328 12.37 22.06 33.90
C PRO A 328 11.40 20.93 34.32
N TRP A 329 10.38 20.69 33.51
CA TRP A 329 9.42 19.61 33.78
C TRP A 329 10.13 18.26 33.92
N SER A 330 11.05 17.96 32.99
CA SER A 330 11.73 16.66 33.01
C SER A 330 12.47 16.43 34.32
N VAL A 331 13.18 17.45 34.78
CA VAL A 331 13.92 17.38 36.03
C VAL A 331 12.97 17.23 37.22
N TRP A 332 11.96 18.08 37.27
CA TRP A 332 10.98 17.98 38.33
C TRP A 332 10.29 16.59 38.34
N LEU A 333 9.93 16.08 37.16
CA LEU A 333 9.22 14.80 37.09
C LEU A 333 10.08 13.67 37.64
N LYS A 334 11.36 13.70 37.35
CA LYS A 334 12.25 12.67 37.87
C LYS A 334 12.37 12.75 39.40
N SER A 335 12.28 13.94 39.98
CA SER A 335 12.36 14.05 41.43
C SER A 335 10.97 13.87 42.09
N HIS A 336 9.91 13.92 41.28
CA HIS A 336 8.54 13.72 41.79
C HIS A 336 7.75 12.78 40.82
N PRO A 337 8.15 11.49 40.74
CA PRO A 337 7.54 10.48 39.87
C PRO A 337 6.05 10.32 40.09
N ALA A 338 5.32 10.20 38.99
CA ALA A 338 3.90 9.99 39.08
C ALA A 338 3.66 8.58 39.53
N LYS A 339 2.48 8.31 40.07
CA LYS A 339 2.15 6.96 40.52
C LYS A 339 0.89 6.47 39.84
N ALA A 340 0.93 5.24 39.36
CA ALA A 340 -0.25 4.66 38.71
C ALA A 340 -1.42 4.68 39.67
N THR B 28 5.69 3.92 -43.68
CA THR B 28 6.33 4.08 -42.33
C THR B 28 5.31 3.93 -41.18
N VAL B 29 5.32 2.75 -40.59
CA VAL B 29 4.48 2.37 -39.46
C VAL B 29 5.29 2.48 -38.18
N THR B 30 4.78 3.15 -37.16
CA THR B 30 5.52 3.28 -35.91
C THR B 30 5.56 1.94 -35.18
N GLU B 31 4.41 1.31 -35.00
CA GLU B 31 4.40 0.01 -34.34
C GLU B 31 3.60 -0.98 -35.16
N PRO B 32 4.18 -2.11 -35.55
CA PRO B 32 3.40 -3.07 -36.34
C PRO B 32 2.42 -3.88 -35.47
N VAL B 33 1.41 -4.45 -36.10
CA VAL B 33 0.48 -5.29 -35.39
C VAL B 33 1.30 -6.37 -34.65
N GLY B 34 0.96 -6.65 -33.40
CA GLY B 34 1.73 -7.61 -32.63
C GLY B 34 2.64 -6.90 -31.67
N SER B 35 2.79 -5.59 -31.85
CA SER B 35 3.67 -4.82 -30.99
C SER B 35 2.98 -3.55 -30.48
N TYR B 36 1.66 -3.56 -30.42
CA TYR B 36 0.93 -2.38 -29.99
C TYR B 36 1.38 -1.88 -28.64
N ALA B 37 1.71 -2.81 -27.74
CA ALA B 37 2.05 -2.42 -26.39
C ALA B 37 3.23 -1.48 -26.34
N ARG B 38 4.13 -1.56 -27.31
CA ARG B 38 5.30 -0.68 -27.33
C ARG B 38 4.92 0.81 -27.38
N ALA B 39 3.69 1.12 -27.76
CA ALA B 39 3.26 2.52 -27.80
C ALA B 39 2.92 3.04 -26.40
N GLU B 40 2.70 2.14 -25.45
CA GLU B 40 2.37 2.60 -24.11
C GLU B 40 3.62 3.12 -23.38
N ARG B 41 3.39 4.04 -22.44
CA ARG B 41 4.49 4.64 -21.67
C ARG B 41 4.70 3.95 -20.31
N PRO B 42 5.85 3.29 -20.13
CA PRO B 42 6.18 2.58 -18.89
C PRO B 42 6.06 3.47 -17.65
N GLN B 43 6.47 4.73 -17.75
CA GLN B 43 6.46 5.63 -16.60
C GLN B 43 5.05 5.85 -16.05
N ASP B 44 4.02 5.51 -16.79
CA ASP B 44 2.70 5.72 -16.24
C ASP B 44 2.14 4.45 -15.54
N PHE B 45 2.92 3.39 -15.43
CA PHE B 45 2.43 2.16 -14.80
C PHE B 45 3.45 1.58 -13.80
N GLU B 46 4.25 2.45 -13.17
CA GLU B 46 5.25 1.96 -12.25
C GLU B 46 4.66 1.25 -11.03
N GLY B 47 5.37 0.22 -10.57
CA GLY B 47 4.95 -0.58 -9.43
C GLY B 47 4.75 0.24 -8.17
N PHE B 48 3.76 -0.12 -7.35
CA PHE B 48 3.53 0.63 -6.13
C PHE B 48 3.15 -0.26 -4.95
N VAL B 49 3.08 -1.57 -5.10
CA VAL B 49 2.70 -2.37 -3.94
C VAL B 49 2.97 -3.82 -4.18
N TRP B 50 3.30 -4.55 -3.12
CA TRP B 50 3.48 -5.99 -3.21
C TRP B 50 2.09 -6.64 -3.23
N ARG B 51 1.68 -7.11 -4.41
CA ARG B 51 0.38 -7.74 -4.55
C ARG B 51 0.42 -9.21 -4.10
N LEU B 52 -0.60 -9.64 -3.37
CA LEU B 52 -0.71 -11.04 -2.96
C LEU B 52 -1.09 -11.88 -4.20
N ASP B 53 -0.22 -12.79 -4.66
CA ASP B 53 -0.51 -13.57 -5.87
C ASP B 53 -1.46 -14.76 -5.64
N ASN B 54 -1.47 -15.34 -4.44
CA ASN B 54 -2.40 -16.44 -4.13
C ASN B 54 -2.54 -16.57 -2.63
N ASP B 55 -3.77 -16.69 -2.11
CA ASP B 55 -3.99 -16.74 -0.66
C ASP B 55 -3.59 -18.09 -0.07
N GLY B 56 -3.22 -19.02 -0.94
CA GLY B 56 -2.78 -20.32 -0.47
C GLY B 56 -3.85 -21.13 0.20
N LYS B 57 -5.12 -20.77 0.05
CA LYS B 57 -6.16 -21.53 0.72
C LYS B 57 -6.45 -22.88 0.05
N GLU B 58 -6.33 -22.97 -1.27
CA GLU B 58 -6.59 -24.22 -1.98
C GLU B 58 -5.33 -25.06 -2.14
N ALA B 59 -5.53 -26.36 -2.38
CA ALA B 59 -4.44 -27.29 -2.54
C ALA B 59 -3.71 -27.03 -3.86
N LEU B 60 -4.43 -26.50 -4.83
CA LEU B 60 -3.83 -26.25 -6.12
C LEU B 60 -4.05 -24.83 -6.56
N PRO B 61 -3.23 -24.38 -7.49
CA PRO B 61 -3.39 -23.03 -8.02
C PRO B 61 -4.70 -22.96 -8.78
N ARG B 62 -5.21 -21.77 -9.09
CA ARG B 62 -6.46 -21.68 -9.84
C ARG B 62 -6.25 -22.03 -11.31
N ASN B 63 -7.35 -22.33 -11.99
CA ASN B 63 -7.34 -22.64 -13.42
C ASN B 63 -6.40 -23.76 -13.77
N PHE B 64 -6.13 -24.66 -12.83
CA PHE B 64 -5.26 -25.79 -13.13
C PHE B 64 -5.91 -26.72 -14.17
N ARG B 65 -5.14 -27.12 -15.17
CA ARG B 65 -5.63 -27.99 -16.24
C ARG B 65 -4.48 -28.64 -16.97
N THR B 66 -4.72 -29.85 -17.51
CA THR B 66 -3.71 -30.53 -18.31
C THR B 66 -4.31 -30.94 -19.65
N SER B 67 -3.43 -31.28 -20.60
CA SER B 67 -3.82 -31.67 -21.95
C SER B 67 -4.52 -33.05 -21.97
N ALA B 68 -4.53 -33.75 -20.83
CA ALA B 68 -5.19 -35.04 -20.77
C ALA B 68 -6.61 -34.88 -20.30
N ASP B 69 -6.99 -33.67 -19.88
CA ASP B 69 -8.32 -33.45 -19.34
C ASP B 69 -9.43 -33.57 -20.38
N ALA B 70 -10.63 -33.90 -19.91
CA ALA B 70 -11.79 -34.02 -20.80
C ALA B 70 -12.24 -32.64 -21.27
N LEU B 71 -12.76 -32.54 -22.49
CA LEU B 71 -13.21 -31.24 -22.96
C LEU B 71 -14.54 -30.87 -22.30
N ARG B 72 -14.75 -29.60 -21.97
CA ARG B 72 -16.02 -29.22 -21.36
C ARG B 72 -16.78 -28.32 -22.29
N ALA B 73 -18.03 -28.02 -21.94
CA ALA B 73 -18.80 -27.12 -22.78
C ALA B 73 -18.10 -25.75 -22.86
N PRO B 74 -18.17 -25.09 -24.02
CA PRO B 74 -17.52 -23.78 -24.15
C PRO B 74 -18.22 -22.68 -23.33
N GLU B 75 -17.46 -21.70 -22.84
CA GLU B 75 -18.06 -20.58 -22.12
C GLU B 75 -18.95 -19.76 -23.08
N LYS B 76 -20.11 -19.34 -22.58
CA LYS B 76 -21.09 -18.61 -23.39
C LYS B 76 -20.56 -17.30 -23.98
N LYS B 77 -19.69 -16.59 -23.25
CA LYS B 77 -19.25 -15.30 -23.76
C LYS B 77 -18.50 -15.41 -25.07
N PHE B 78 -17.99 -16.59 -25.43
CA PHE B 78 -17.29 -16.73 -26.70
C PHE B 78 -18.22 -17.08 -27.85
N HIS B 79 -19.49 -17.34 -27.54
CA HIS B 79 -20.50 -17.65 -28.57
C HIS B 79 -20.01 -18.69 -29.55
N LEU B 80 -19.60 -19.81 -29.01
CA LEU B 80 -19.10 -20.90 -29.83
C LEU B 80 -20.18 -21.98 -30.03
N ASP B 81 -19.83 -23.01 -30.78
CA ASP B 81 -20.72 -24.11 -31.08
C ASP B 81 -20.62 -25.19 -30.03
N ALA B 82 -21.54 -25.20 -29.08
CA ALA B 82 -21.53 -26.18 -27.99
C ALA B 82 -21.64 -27.63 -28.52
N ALA B 83 -22.16 -27.81 -29.72
CA ALA B 83 -22.30 -29.15 -30.29
C ALA B 83 -21.01 -29.60 -31.01
N TYR B 84 -20.10 -28.66 -31.29
CA TYR B 84 -18.88 -29.03 -31.99
C TYR B 84 -17.94 -29.85 -31.09
N VAL B 85 -17.43 -30.94 -31.65
CA VAL B 85 -16.51 -31.80 -30.91
C VAL B 85 -15.15 -31.73 -31.58
N PRO B 86 -14.21 -30.99 -30.97
CA PRO B 86 -12.89 -30.89 -31.58
C PRO B 86 -12.11 -32.19 -31.54
N SER B 87 -11.18 -32.34 -32.47
CA SER B 87 -10.32 -33.52 -32.50
C SER B 87 -9.35 -33.47 -31.31
N ARG B 88 -9.15 -34.60 -30.61
CA ARG B 88 -8.19 -34.66 -29.51
C ARG B 88 -6.86 -35.25 -29.99
N GLU B 89 -6.74 -35.41 -31.29
CA GLU B 89 -5.50 -35.99 -31.84
C GLU B 89 -4.25 -35.32 -31.27
N GLY B 90 -3.37 -36.13 -30.67
CA GLY B 90 -2.11 -35.64 -30.11
C GLY B 90 -2.22 -35.08 -28.68
N MET B 91 -3.42 -34.97 -28.13
CA MET B 91 -3.52 -34.37 -26.79
C MET B 91 -2.92 -35.24 -25.74
N ASP B 92 -3.07 -36.55 -25.88
CA ASP B 92 -2.53 -37.45 -24.85
C ASP B 92 -0.99 -37.45 -24.83
N ALA B 93 -0.35 -37.07 -25.91
CA ALA B 93 1.12 -37.01 -25.96
C ALA B 93 1.61 -35.56 -25.78
N LEU B 94 0.70 -34.61 -25.77
CA LEU B 94 1.08 -33.20 -25.71
C LEU B 94 1.91 -32.90 -24.45
N HIS B 95 1.42 -33.34 -23.29
CA HIS B 95 2.15 -33.19 -22.03
C HIS B 95 2.35 -31.75 -21.57
N ILE B 96 1.27 -30.97 -21.56
CA ILE B 96 1.36 -29.62 -21.07
C ILE B 96 0.28 -29.36 -20.06
N SER B 97 0.49 -28.34 -19.24
CA SER B 97 -0.49 -27.92 -18.27
C SER B 97 -0.42 -26.42 -18.06
N GLY B 98 -1.40 -25.88 -17.35
CA GLY B 98 -1.38 -24.46 -17.11
C GLY B 98 -2.05 -24.13 -15.81
N SER B 99 -1.73 -22.96 -15.25
CA SER B 99 -2.35 -22.50 -14.01
C SER B 99 -2.00 -21.05 -13.71
N SER B 100 -2.63 -20.58 -12.65
CA SER B 100 -2.41 -19.27 -12.07
C SER B 100 -1.13 -19.37 -11.23
N ALA B 101 -0.80 -18.28 -10.54
CA ALA B 101 0.38 -18.29 -9.67
C ALA B 101 0.08 -19.21 -8.47
N PHE B 102 1.09 -19.52 -7.65
CA PHE B 102 0.87 -20.48 -6.57
C PHE B 102 1.79 -20.25 -5.36
N THR B 103 1.39 -20.80 -4.23
CA THR B 103 2.25 -20.79 -3.05
C THR B 103 3.26 -21.92 -3.24
N PRO B 104 4.35 -21.94 -2.44
CA PRO B 104 5.27 -23.05 -2.68
C PRO B 104 4.60 -24.40 -2.44
N ALA B 105 3.72 -24.49 -1.44
CA ALA B 105 3.07 -25.77 -1.20
C ALA B 105 2.20 -26.15 -2.38
N GLN B 106 1.45 -25.20 -2.94
CA GLN B 106 0.62 -25.55 -4.07
C GLN B 106 1.45 -26.11 -5.22
N LEU B 107 2.61 -25.52 -5.47
CA LEU B 107 3.48 -25.98 -6.57
C LEU B 107 3.95 -27.42 -6.31
N LYS B 108 4.24 -27.73 -5.06
CA LYS B 108 4.62 -29.10 -4.70
C LYS B 108 3.50 -30.04 -5.10
N ASN B 109 2.28 -29.64 -4.80
CA ASN B 109 1.13 -30.45 -5.15
C ASN B 109 1.04 -30.62 -6.66
N VAL B 110 1.31 -29.53 -7.38
CA VAL B 110 1.26 -29.61 -8.83
C VAL B 110 2.30 -30.61 -9.35
N ALA B 111 3.54 -30.45 -8.88
CA ALA B 111 4.64 -31.30 -9.30
C ALA B 111 4.37 -32.78 -9.03
N ALA B 112 3.90 -33.09 -7.81
CA ALA B 112 3.56 -34.48 -7.48
C ALA B 112 2.47 -35.02 -8.43
N LYS B 113 1.49 -34.19 -8.70
CA LYS B 113 0.45 -34.59 -9.61
C LYS B 113 0.99 -34.79 -11.05
N LEU B 114 1.87 -33.91 -11.52
CA LEU B 114 2.39 -34.09 -12.87
C LEU B 114 3.36 -35.28 -12.97
N ARG B 115 4.07 -35.61 -11.88
CA ARG B 115 5.00 -36.74 -11.88
C ARG B 115 4.26 -38.07 -12.12
N GLU B 116 2.98 -38.11 -11.80
CA GLU B 116 2.22 -39.32 -12.04
C GLU B 116 1.98 -39.50 -13.52
N LYS B 117 2.15 -38.45 -14.31
CA LYS B 117 1.83 -38.56 -15.72
C LYS B 117 3.06 -38.68 -16.59
N THR B 118 4.27 -38.58 -16.02
CA THR B 118 5.45 -38.67 -16.88
C THR B 118 6.71 -39.04 -16.09
N ALA B 119 7.73 -39.49 -16.82
CA ALA B 119 9.01 -39.82 -16.22
C ALA B 119 10.06 -38.87 -16.75
N GLY B 120 9.60 -37.86 -17.49
CA GLY B 120 10.52 -36.88 -18.04
C GLY B 120 10.64 -35.65 -17.16
N PRO B 121 11.56 -34.74 -17.54
CA PRO B 121 11.68 -33.52 -16.71
C PRO B 121 10.36 -32.71 -16.77
N ILE B 122 9.97 -32.17 -15.62
CA ILE B 122 8.79 -31.33 -15.50
C ILE B 122 9.25 -29.87 -15.34
N TYR B 123 8.89 -29.02 -16.30
CA TYR B 123 9.32 -27.63 -16.28
C TYR B 123 8.29 -26.68 -15.72
N ASP B 124 8.73 -25.82 -14.82
CA ASP B 124 7.87 -24.74 -14.42
C ASP B 124 8.17 -23.59 -15.40
N VAL B 125 7.28 -23.35 -16.36
CA VAL B 125 7.52 -22.28 -17.33
C VAL B 125 6.81 -21.00 -16.87
N ASP B 126 7.59 -20.12 -16.27
CA ASP B 126 7.19 -18.83 -15.71
C ASP B 126 7.07 -17.76 -16.82
N LEU B 127 5.84 -17.38 -17.16
CA LEU B 127 5.60 -16.42 -18.26
C LEU B 127 5.43 -14.97 -17.76
N ARG B 128 5.84 -14.69 -16.52
CA ARG B 128 5.57 -13.37 -15.93
C ARG B 128 6.67 -12.33 -16.11
N GLN B 129 6.35 -11.21 -16.76
CA GLN B 129 7.33 -10.15 -16.89
C GLN B 129 7.44 -9.40 -15.57
N GLU B 130 6.28 -9.21 -14.91
CA GLU B 130 6.24 -8.49 -13.63
C GLU B 130 7.18 -9.15 -12.58
N SER B 131 7.85 -8.32 -11.80
CA SER B 131 8.75 -8.85 -10.77
C SER B 131 7.95 -9.60 -9.70
N HIS B 132 8.32 -10.83 -9.42
CA HIS B 132 7.61 -11.58 -8.40
C HIS B 132 8.56 -12.52 -7.65
N GLY B 133 8.06 -13.10 -6.56
CA GLY B 133 8.84 -13.99 -5.74
C GLY B 133 8.09 -14.40 -4.48
N TYR B 134 8.82 -14.80 -3.45
CA TYR B 134 8.19 -15.27 -2.24
C TYR B 134 8.80 -14.61 -0.99
N LEU B 135 7.90 -14.09 -0.15
CA LEU B 135 8.25 -13.42 1.08
C LEU B 135 7.71 -14.24 2.22
N ASP B 136 8.61 -14.80 3.04
CA ASP B 136 8.15 -15.72 4.08
C ASP B 136 7.20 -16.76 3.46
N GLY B 137 7.56 -17.24 2.26
CA GLY B 137 6.75 -18.24 1.60
C GLY B 137 5.50 -17.70 0.94
N ILE B 138 5.24 -16.39 1.04
CA ILE B 138 4.06 -15.82 0.43
C ILE B 138 4.32 -15.34 -0.99
N PRO B 139 3.59 -15.89 -1.98
CA PRO B 139 3.78 -15.48 -3.38
C PRO B 139 3.30 -14.05 -3.60
N VAL B 140 4.21 -13.16 -3.97
CA VAL B 140 3.87 -11.73 -4.16
C VAL B 140 4.48 -11.16 -5.47
N SER B 141 3.90 -10.08 -5.98
CA SER B 141 4.44 -9.43 -7.17
C SER B 141 4.44 -7.89 -7.00
N TRP B 142 5.39 -7.23 -7.65
CA TRP B 142 5.45 -5.78 -7.56
C TRP B 142 4.47 -5.25 -8.58
N TYR B 143 3.34 -4.79 -8.08
CA TYR B 143 2.25 -4.40 -8.93
C TYR B 143 2.13 -2.89 -9.22
N GLY B 144 2.06 -2.62 -10.52
CA GLY B 144 1.78 -1.31 -11.07
C GLY B 144 0.44 -1.36 -11.81
N GLU B 145 -0.16 -0.23 -12.17
CA GLU B 145 -1.45 -0.30 -12.88
C GLU B 145 -1.34 -1.15 -14.11
N ARG B 146 -2.38 -1.95 -14.32
CA ARG B 146 -2.50 -2.89 -15.43
C ARG B 146 -1.46 -4.01 -15.31
N ASP B 147 -0.81 -4.09 -14.14
CA ASP B 147 0.26 -5.07 -13.92
C ASP B 147 1.40 -4.79 -14.90
N TRP B 148 1.67 -3.51 -15.18
CA TRP B 148 2.75 -3.17 -16.12
C TRP B 148 3.99 -2.55 -15.44
N ALA B 149 4.35 -2.99 -14.24
CA ALA B 149 5.48 -2.41 -13.53
C ALA B 149 6.81 -2.61 -14.25
N ASN B 150 6.87 -3.59 -15.16
CA ASN B 150 8.10 -3.86 -15.89
C ASN B 150 7.93 -3.63 -17.38
N LEU B 151 6.84 -2.97 -17.76
CA LEU B 151 6.61 -2.68 -19.15
C LEU B 151 7.82 -2.03 -19.78
N GLY B 152 8.19 -2.48 -20.97
CA GLY B 152 9.29 -1.84 -21.64
C GLY B 152 10.67 -2.28 -21.15
N LYS B 153 10.78 -3.03 -20.07
CA LYS B 153 12.14 -3.47 -19.72
C LYS B 153 12.54 -4.73 -20.52
N SER B 154 13.82 -4.86 -20.85
CA SER B 154 14.26 -6.08 -21.48
C SER B 154 14.09 -7.21 -20.43
N GLN B 155 14.14 -8.45 -20.86
CA GLN B 155 14.04 -9.54 -19.91
C GLN B 155 15.15 -9.41 -18.83
N HIS B 156 16.35 -9.07 -19.28
CA HIS B 156 17.50 -8.88 -18.38
C HIS B 156 17.20 -7.82 -17.29
N GLU B 157 16.69 -6.67 -17.70
CA GLU B 157 16.36 -5.61 -16.73
C GLU B 157 15.20 -6.04 -15.82
N ALA B 158 14.21 -6.70 -16.40
CA ALA B 158 13.07 -7.16 -15.61
C ALA B 158 13.52 -8.10 -14.50
N LEU B 159 14.41 -9.02 -14.84
CA LEU B 159 14.90 -9.99 -13.86
C LEU B 159 15.83 -9.34 -12.85
N ALA B 160 16.57 -8.33 -13.28
CA ALA B 160 17.45 -7.62 -12.35
C ALA B 160 16.59 -6.84 -11.33
N ASP B 161 15.55 -6.14 -11.81
CA ASP B 161 14.65 -5.41 -10.92
C ASP B 161 14.10 -6.37 -9.86
N GLU B 162 13.67 -7.53 -10.35
CA GLU B 162 13.09 -8.57 -9.52
C GLU B 162 14.05 -8.99 -8.40
N ARG B 163 15.27 -9.36 -8.78
CA ARG B 163 16.24 -9.78 -7.79
C ARG B 163 16.53 -8.68 -6.76
N HIS B 164 16.67 -7.44 -7.22
CA HIS B 164 16.98 -6.35 -6.32
C HIS B 164 15.83 -6.08 -5.34
N ARG B 165 14.60 -6.01 -5.83
CA ARG B 165 13.43 -5.74 -4.97
C ARG B 165 13.20 -6.86 -3.99
N LEU B 166 13.45 -8.11 -4.40
CA LEU B 166 13.23 -9.21 -3.47
C LEU B 166 14.25 -9.11 -2.33
N HIS B 167 15.51 -9.00 -2.69
CA HIS B 167 16.54 -8.90 -1.68
C HIS B 167 16.34 -7.69 -0.76
N ALA B 168 15.95 -6.56 -1.32
CA ALA B 168 15.75 -5.38 -0.50
C ALA B 168 14.63 -5.59 0.53
N ALA B 169 13.75 -6.57 0.31
CA ALA B 169 12.66 -6.79 1.26
C ALA B 169 13.14 -7.55 2.50
N LEU B 170 14.20 -8.34 2.37
CA LEU B 170 14.70 -9.13 3.52
C LEU B 170 14.96 -8.28 4.79
N HIS B 171 14.32 -8.69 5.88
CA HIS B 171 14.42 -8.02 7.20
C HIS B 171 13.78 -6.65 7.18
N LYS B 172 12.86 -6.41 6.25
CA LYS B 172 12.20 -5.13 6.17
C LYS B 172 10.72 -5.29 6.38
N THR B 173 10.08 -4.21 6.79
CA THR B 173 8.64 -4.22 6.97
C THR B 173 7.98 -4.01 5.63
N VAL B 174 7.12 -4.93 5.21
CA VAL B 174 6.46 -4.75 3.93
C VAL B 174 4.97 -4.89 4.09
N TYR B 175 4.26 -4.28 3.14
CA TYR B 175 2.82 -4.36 3.06
C TYR B 175 2.46 -5.24 1.83
N ILE B 176 1.71 -6.31 2.08
CA ILE B 176 1.30 -7.27 1.06
C ILE B 176 -0.20 -7.31 0.98
N ALA B 177 -0.78 -7.01 -0.17
CA ALA B 177 -2.21 -7.00 -0.16
C ALA B 177 -2.85 -7.48 -1.42
N PRO B 178 -4.07 -8.03 -1.28
CA PRO B 178 -4.74 -8.44 -2.50
C PRO B 178 -5.37 -7.18 -3.13
N LEU B 179 -5.68 -7.20 -4.42
CA LEU B 179 -6.32 -6.06 -5.02
C LEU B 179 -7.80 -6.25 -4.92
N GLY B 180 -8.52 -5.18 -4.67
CA GLY B 180 -9.94 -5.34 -4.55
C GLY B 180 -10.67 -4.47 -5.53
N LYS B 181 -11.49 -3.60 -4.97
CA LYS B 181 -12.21 -2.68 -5.80
C LYS B 181 -11.23 -1.72 -6.49
N HIS B 182 -11.52 -1.46 -7.78
CA HIS B 182 -10.79 -0.57 -8.66
C HIS B 182 -9.35 -1.03 -8.88
N LYS B 183 -9.08 -2.29 -8.55
CA LYS B 183 -7.74 -2.84 -8.72
C LYS B 183 -6.73 -2.13 -7.81
N LEU B 184 -7.22 -1.79 -6.62
CA LEU B 184 -6.39 -1.15 -5.61
C LEU B 184 -6.33 -2.01 -4.33
N PRO B 185 -5.24 -1.89 -3.57
CA PRO B 185 -5.06 -2.66 -2.34
C PRO B 185 -6.28 -2.58 -1.45
N GLU B 186 -6.57 -3.72 -0.81
CA GLU B 186 -7.71 -3.83 0.08
C GLU B 186 -7.36 -4.79 1.24
N GLY B 187 -7.21 -4.25 2.43
CA GLY B 187 -6.85 -5.10 3.56
C GLY B 187 -5.43 -5.62 3.39
N GLY B 188 -5.20 -6.90 3.66
CA GLY B 188 -3.85 -7.41 3.51
C GLY B 188 -3.15 -7.60 4.84
N GLU B 189 -1.83 -7.45 4.85
CA GLU B 189 -1.09 -7.63 6.09
C GLU B 189 0.25 -6.93 6.02
N VAL B 190 0.85 -6.75 7.18
CA VAL B 190 2.14 -6.10 7.34
C VAL B 190 3.05 -7.03 8.12
N ARG B 191 4.29 -7.18 7.68
CA ARG B 191 5.19 -8.06 8.38
C ARG B 191 6.61 -7.72 8.05
N ARG B 192 7.50 -8.10 8.96
CA ARG B 192 8.91 -7.95 8.72
C ARG B 192 9.44 -9.27 8.15
N VAL B 193 9.81 -9.25 6.87
CA VAL B 193 10.27 -10.43 6.12
C VAL B 193 11.55 -11.08 6.71
N GLN B 194 11.46 -12.39 6.93
CA GLN B 194 12.61 -13.14 7.43
C GLN B 194 13.18 -14.08 6.35
N LYS B 195 12.42 -14.28 5.27
CA LYS B 195 12.88 -15.15 4.17
C LYS B 195 12.46 -14.61 2.80
N VAL B 196 13.37 -14.67 1.84
CA VAL B 196 13.15 -14.23 0.47
C VAL B 196 13.59 -15.30 -0.51
N GLN B 197 12.77 -15.59 -1.50
CA GLN B 197 13.10 -16.59 -2.49
C GLN B 197 12.56 -16.21 -3.86
N THR B 198 13.29 -16.58 -4.90
CA THR B 198 12.81 -16.37 -6.23
C THR B 198 11.94 -17.58 -6.63
N GLU B 199 11.15 -17.46 -7.69
CA GLU B 199 10.32 -18.60 -8.10
C GLU B 199 11.21 -19.75 -8.56
N GLN B 200 12.36 -19.41 -9.12
CA GLN B 200 13.28 -20.46 -9.54
C GLN B 200 13.61 -21.41 -8.36
N GLU B 201 14.01 -20.83 -7.22
CA GLU B 201 14.31 -21.64 -6.03
C GLU B 201 13.09 -22.45 -5.62
N VAL B 202 11.91 -21.84 -5.65
CA VAL B 202 10.70 -22.53 -5.28
C VAL B 202 10.40 -23.69 -6.25
N ALA B 203 10.67 -23.48 -7.53
CA ALA B 203 10.40 -24.54 -8.50
C ALA B 203 11.36 -25.72 -8.27
N GLU B 204 12.65 -25.41 -8.18
CA GLU B 204 13.67 -26.43 -7.99
C GLU B 204 13.45 -27.19 -6.69
N ALA B 205 12.93 -26.52 -5.67
CA ALA B 205 12.66 -27.22 -4.43
C ALA B 205 11.43 -28.12 -4.59
N ALA B 206 10.61 -27.82 -5.59
CA ALA B 206 9.43 -28.62 -5.85
C ALA B 206 9.79 -29.76 -6.82
N GLY B 207 11.06 -29.84 -7.22
CA GLY B 207 11.49 -30.91 -8.13
C GLY B 207 11.22 -30.61 -9.62
N MET B 208 11.07 -29.33 -9.95
CA MET B 208 10.80 -28.95 -11.33
C MET B 208 11.92 -28.12 -11.92
N ARG B 209 12.17 -28.28 -13.22
CA ARG B 209 13.12 -27.43 -13.88
C ARG B 209 12.45 -26.07 -14.05
N TYR B 210 13.20 -25.00 -14.30
CA TYR B 210 12.61 -23.66 -14.38
C TYR B 210 12.99 -22.93 -15.66
N PHE B 211 12.01 -22.33 -16.31
CA PHE B 211 12.28 -21.56 -17.51
C PHE B 211 11.47 -20.29 -17.48
N ARG B 212 12.15 -19.15 -17.64
CA ARG B 212 11.53 -17.83 -17.54
C ARG B 212 11.40 -17.10 -18.89
N ILE B 213 10.16 -16.68 -19.17
CA ILE B 213 9.84 -15.88 -20.34
C ILE B 213 9.10 -14.64 -19.85
N ALA B 214 9.75 -13.47 -19.90
CA ALA B 214 9.18 -12.21 -19.35
C ALA B 214 8.14 -11.59 -20.27
N ALA B 215 6.91 -12.12 -20.21
CA ALA B 215 5.83 -11.63 -21.05
C ALA B 215 4.98 -10.65 -20.32
N THR B 216 4.64 -9.58 -20.98
CA THR B 216 3.83 -8.54 -20.39
C THR B 216 2.37 -8.99 -20.23
N ASP B 217 1.80 -8.74 -19.04
CA ASP B 217 0.43 -9.09 -18.75
C ASP B 217 -0.55 -8.44 -19.77
N HIS B 218 -1.63 -9.15 -20.11
CA HIS B 218 -2.74 -8.67 -20.96
C HIS B 218 -2.44 -8.51 -22.47
N VAL B 219 -1.20 -8.71 -22.94
CA VAL B 219 -0.97 -8.48 -24.36
C VAL B 219 -0.30 -9.67 -25.04
N TRP B 220 -0.30 -9.62 -26.37
CA TRP B 220 0.30 -10.67 -27.16
C TRP B 220 1.81 -10.75 -26.87
N PRO B 221 2.37 -11.97 -26.68
CA PRO B 221 3.83 -12.03 -26.39
C PRO B 221 4.67 -11.42 -27.55
N THR B 222 5.79 -10.79 -27.21
CA THR B 222 6.66 -10.10 -28.18
C THR B 222 7.43 -11.07 -29.06
N PRO B 223 8.00 -10.58 -30.19
CA PRO B 223 8.76 -11.49 -31.05
C PRO B 223 9.95 -12.11 -30.26
N GLU B 224 10.51 -11.34 -29.33
CA GLU B 224 11.60 -11.91 -28.55
C GLU B 224 11.08 -12.93 -27.56
N ASN B 225 9.92 -12.71 -26.96
CA ASN B 225 9.36 -13.72 -26.03
C ASN B 225 9.19 -15.05 -26.79
N ILE B 226 8.57 -14.95 -27.96
CA ILE B 226 8.30 -16.12 -28.77
C ILE B 226 9.58 -16.74 -29.34
N ASP B 227 10.50 -15.95 -29.92
CA ASP B 227 11.75 -16.58 -30.41
C ASP B 227 12.41 -17.36 -29.24
N ARG B 228 12.35 -16.79 -28.04
CA ARG B 228 12.97 -17.45 -26.88
C ARG B 228 12.25 -18.78 -26.55
N PHE B 229 10.94 -18.79 -26.62
CA PHE B 229 10.19 -20.00 -26.34
C PHE B 229 10.49 -21.12 -27.35
N LEU B 230 10.51 -20.76 -28.64
CA LEU B 230 10.75 -21.73 -29.73
C LEU B 230 12.16 -22.30 -29.66
N ALA B 231 13.13 -21.47 -29.30
CA ALA B 231 14.50 -22.01 -29.17
C ALA B 231 14.53 -23.00 -27.98
N PHE B 232 13.81 -22.65 -26.92
CA PHE B 232 13.68 -23.51 -25.72
C PHE B 232 12.98 -24.82 -26.07
N TYR B 233 11.87 -24.70 -26.76
CA TYR B 233 11.09 -25.87 -27.15
C TYR B 233 11.96 -26.85 -27.94
N ARG B 234 12.77 -26.29 -28.82
CA ARG B 234 13.64 -27.09 -29.66
C ARG B 234 14.62 -27.93 -28.85
N THR B 235 14.96 -27.50 -27.65
CA THR B 235 15.93 -28.28 -26.85
C THR B 235 15.27 -29.36 -25.97
N LEU B 236 13.95 -29.40 -25.90
CA LEU B 236 13.31 -30.33 -24.96
C LEU B 236 13.40 -31.83 -25.33
N PRO B 237 13.65 -32.70 -24.33
CA PRO B 237 13.67 -34.12 -24.64
C PRO B 237 12.25 -34.50 -24.99
N GLN B 238 11.97 -35.62 -25.65
CA GLN B 238 10.57 -35.85 -26.05
C GLN B 238 9.60 -36.02 -24.89
N ASP B 239 10.06 -36.49 -23.73
CA ASP B 239 9.14 -36.70 -22.62
C ASP B 239 9.05 -35.50 -21.67
N ALA B 240 9.49 -34.32 -22.11
CA ALA B 240 9.39 -33.19 -21.21
C ALA B 240 7.92 -32.77 -21.01
N TRP B 241 7.57 -32.40 -19.79
CA TRP B 241 6.24 -31.89 -19.50
C TRP B 241 6.35 -30.40 -19.24
N LEU B 242 5.54 -29.59 -19.89
CA LEU B 242 5.66 -28.15 -19.67
C LEU B 242 4.48 -27.61 -18.87
N HIS B 243 4.77 -27.06 -17.70
CA HIS B 243 3.70 -26.47 -16.91
C HIS B 243 3.78 -24.95 -17.01
N PHE B 244 2.87 -24.37 -17.79
CA PHE B 244 2.85 -22.93 -18.02
C PHE B 244 2.06 -22.20 -16.95
N HIS B 245 2.46 -20.98 -16.65
CA HIS B 245 1.65 -20.22 -15.73
C HIS B 245 1.98 -18.74 -15.79
N CYS B 246 1.00 -17.93 -15.46
CA CYS B 246 1.17 -16.49 -15.37
C CYS B 246 0.59 -16.04 -14.02
N GLU B 247 -0.13 -14.93 -13.96
CA GLU B 247 -0.69 -14.52 -12.67
C GLU B 247 -2.06 -15.17 -12.46
N ALA B 248 -2.97 -14.93 -13.39
CA ALA B 248 -4.33 -15.46 -13.34
C ALA B 248 -4.41 -16.86 -13.97
N GLY B 249 -3.54 -17.15 -14.95
CA GLY B 249 -3.54 -18.44 -15.61
C GLY B 249 -4.42 -18.49 -16.85
N VAL B 250 -4.76 -17.32 -17.37
CA VAL B 250 -5.64 -17.27 -18.52
C VAL B 250 -4.98 -16.75 -19.80
N GLY B 251 -4.69 -15.46 -19.88
CA GLY B 251 -4.16 -14.85 -21.11
C GLY B 251 -2.84 -15.45 -21.61
N ARG B 252 -1.75 -15.16 -20.91
CA ARG B 252 -0.43 -15.61 -21.32
C ARG B 252 -0.31 -17.13 -21.31
N THR B 253 -0.84 -17.75 -20.25
CA THR B 253 -0.78 -19.20 -20.13
C THR B 253 -1.41 -19.87 -21.35
N THR B 254 -2.63 -19.46 -21.70
CA THR B 254 -3.30 -20.10 -22.83
C THR B 254 -2.56 -19.84 -24.15
N ALA B 255 -2.00 -18.64 -24.31
CA ALA B 255 -1.27 -18.33 -25.56
C ALA B 255 -0.13 -19.32 -25.79
N PHE B 256 0.69 -19.55 -24.78
CA PHE B 256 1.80 -20.47 -24.94
C PHE B 256 1.32 -21.90 -25.01
N MET B 257 0.21 -22.24 -24.35
CA MET B 257 -0.31 -23.59 -24.44
C MET B 257 -0.72 -23.86 -25.89
N VAL B 258 -1.40 -22.88 -26.49
CA VAL B 258 -1.83 -22.96 -27.89
C VAL B 258 -0.61 -23.10 -28.83
N MET B 259 0.40 -22.25 -28.62
CA MET B 259 1.59 -22.28 -29.45
C MET B 259 2.23 -23.65 -29.38
N THR B 260 2.27 -24.21 -28.19
CA THR B 260 2.86 -25.54 -28.03
C THR B 260 2.02 -26.60 -28.76
N ASP B 261 0.70 -26.47 -28.66
CA ASP B 261 -0.18 -27.42 -29.31
C ASP B 261 0.06 -27.38 -30.81
N MET B 262 0.14 -26.15 -31.35
CA MET B 262 0.39 -25.94 -32.78
C MET B 262 1.74 -26.51 -33.21
N LEU B 263 2.78 -26.27 -32.41
CA LEU B 263 4.09 -26.79 -32.78
C LEU B 263 4.10 -28.29 -32.79
N LYS B 264 3.54 -28.89 -31.75
CA LYS B 264 3.63 -30.35 -31.58
C LYS B 264 2.62 -31.11 -32.41
N ASN B 265 1.47 -30.50 -32.69
CA ASN B 265 0.40 -31.15 -33.47
C ASN B 265 0.00 -30.27 -34.64
N PRO B 266 0.96 -30.02 -35.53
CA PRO B 266 0.81 -29.19 -36.71
C PRO B 266 -0.25 -29.66 -37.69
N SER B 267 -0.72 -30.91 -37.61
CA SER B 267 -1.74 -31.30 -38.57
C SER B 267 -3.16 -31.02 -38.02
N VAL B 268 -3.28 -30.62 -36.76
CA VAL B 268 -4.60 -30.33 -36.21
C VAL B 268 -5.08 -28.99 -36.74
N SER B 269 -6.36 -28.85 -37.07
CA SER B 269 -6.82 -27.58 -37.61
C SER B 269 -6.76 -26.49 -36.55
N LEU B 270 -6.63 -25.24 -37.00
CA LEU B 270 -6.60 -24.09 -36.12
C LEU B 270 -7.83 -24.08 -35.20
N LYS B 271 -8.99 -24.34 -35.79
CA LYS B 271 -10.23 -24.36 -35.04
C LYS B 271 -10.19 -25.37 -33.92
N ASP B 272 -9.64 -26.55 -34.18
CA ASP B 272 -9.59 -27.57 -33.15
C ASP B 272 -8.62 -27.21 -32.03
N ILE B 273 -7.47 -26.63 -32.38
CA ILE B 273 -6.52 -26.22 -31.36
C ILE B 273 -7.17 -25.22 -30.40
N LEU B 274 -7.80 -24.21 -30.98
CA LEU B 274 -8.45 -23.13 -30.27
C LEU B 274 -9.61 -23.61 -29.42
N TYR B 275 -10.47 -24.45 -29.98
CA TYR B 275 -11.59 -25.02 -29.24
C TYR B 275 -11.10 -25.92 -28.10
N ARG B 276 -10.15 -26.81 -28.39
CA ARG B 276 -9.69 -27.71 -27.36
C ARG B 276 -8.91 -27.01 -26.26
N GLN B 277 -8.03 -26.06 -26.56
CA GLN B 277 -7.31 -25.39 -25.47
C GLN B 277 -8.29 -24.60 -24.60
N HIS B 278 -9.37 -24.12 -25.22
CA HIS B 278 -10.39 -23.42 -24.43
C HIS B 278 -11.18 -24.41 -23.57
N GLU B 279 -11.63 -25.50 -24.19
CA GLU B 279 -12.49 -26.48 -23.52
C GLU B 279 -11.82 -27.29 -22.41
N ILE B 280 -10.49 -27.30 -22.31
CA ILE B 280 -9.90 -27.95 -21.13
C ILE B 280 -9.76 -26.90 -20.02
N GLY B 281 -10.24 -25.68 -20.25
CA GLY B 281 -10.20 -24.67 -19.21
C GLY B 281 -9.37 -23.43 -19.55
N GLY B 282 -8.92 -23.27 -20.79
CA GLY B 282 -8.14 -22.08 -21.08
C GLY B 282 -8.98 -20.99 -21.73
N PHE B 283 -8.32 -19.93 -22.18
CA PHE B 283 -8.96 -18.82 -22.87
C PHE B 283 -9.38 -19.25 -24.30
N TYR B 284 -10.33 -18.56 -24.93
CA TYR B 284 -10.61 -18.92 -26.33
C TYR B 284 -9.93 -17.89 -27.20
N TYR B 285 -8.99 -18.32 -28.04
CA TYR B 285 -8.17 -17.41 -28.85
C TYR B 285 -8.65 -17.20 -30.28
N GLY B 286 -9.90 -17.59 -30.57
CA GLY B 286 -10.45 -17.32 -31.89
C GLY B 286 -11.31 -16.08 -31.85
N GLU B 287 -11.96 -15.74 -32.95
CA GLU B 287 -12.81 -14.57 -33.00
C GLU B 287 -14.04 -14.76 -32.15
N PHE B 288 -14.47 -13.68 -31.50
CA PHE B 288 -15.69 -13.70 -30.72
C PHE B 288 -16.17 -12.27 -30.50
N PRO B 289 -17.43 -12.07 -30.11
CA PRO B 289 -17.90 -10.69 -29.90
C PRO B 289 -17.29 -10.09 -28.63
N ILE B 290 -16.22 -9.32 -28.78
CA ILE B 290 -15.52 -8.73 -27.64
C ILE B 290 -16.39 -7.71 -26.91
N LYS B 291 -16.64 -7.94 -25.61
CA LYS B 291 -17.46 -7.01 -24.81
C LYS B 291 -16.79 -6.73 -23.48
N THR B 292 -16.13 -5.58 -23.35
CA THR B 292 -15.45 -5.28 -22.07
C THR B 292 -16.25 -4.28 -21.25
N LYS B 293 -15.91 -4.17 -19.97
CA LYS B 293 -16.57 -3.15 -19.19
C LYS B 293 -15.94 -1.80 -19.54
N ASP B 294 -16.70 -0.73 -19.41
CA ASP B 294 -16.19 0.58 -19.79
C ASP B 294 -14.84 0.92 -19.13
N LYS B 295 -14.64 0.50 -17.89
CA LYS B 295 -13.37 0.75 -17.21
C LYS B 295 -12.24 -0.07 -17.83
N ASP B 296 -12.58 -1.12 -18.59
CA ASP B 296 -11.60 -2.00 -19.23
C ASP B 296 -11.54 -1.84 -20.76
N SER B 297 -12.07 -0.75 -21.33
CA SER B 297 -12.06 -0.59 -22.77
C SER B 297 -10.65 -0.55 -23.34
N TRP B 298 -9.66 -0.27 -22.51
CA TRP B 298 -8.28 -0.28 -23.06
C TRP B 298 -7.90 -1.70 -23.52
N LYS B 299 -8.60 -2.71 -22.99
CA LYS B 299 -8.30 -4.12 -23.31
C LYS B 299 -8.71 -4.53 -24.71
N THR B 300 -9.78 -3.92 -25.22
CA THR B 300 -10.36 -4.28 -26.51
C THR B 300 -9.35 -4.44 -27.67
N LYS B 301 -8.49 -3.45 -27.92
CA LYS B 301 -7.59 -3.58 -29.06
C LYS B 301 -6.52 -4.66 -28.83
N TYR B 302 -6.20 -4.93 -27.57
CA TYR B 302 -5.20 -5.97 -27.27
C TYR B 302 -5.77 -7.37 -27.51
N TYR B 303 -7.07 -7.52 -27.22
CA TYR B 303 -7.78 -8.77 -27.49
C TYR B 303 -7.83 -9.01 -28.99
N ARG B 304 -8.17 -7.97 -29.75
CA ARG B 304 -8.22 -8.08 -31.19
C ARG B 304 -6.85 -8.43 -31.74
N GLU B 305 -5.83 -7.77 -31.21
CA GLU B 305 -4.46 -8.03 -31.66
C GLU B 305 -4.12 -9.50 -31.39
N LYS B 306 -4.49 -10.01 -30.22
CA LYS B 306 -4.21 -11.39 -29.91
C LYS B 306 -4.86 -12.35 -30.94
N ILE B 307 -6.11 -12.08 -31.31
CA ILE B 307 -6.81 -12.93 -32.28
C ILE B 307 -6.05 -12.97 -33.60
N VAL B 308 -5.55 -11.83 -34.03
CA VAL B 308 -4.83 -11.78 -35.30
C VAL B 308 -3.43 -12.44 -35.22
N MET B 309 -2.76 -12.26 -34.09
CA MET B 309 -1.42 -12.83 -33.97
C MET B 309 -1.49 -14.37 -33.83
N ILE B 310 -2.51 -14.84 -33.14
CA ILE B 310 -2.74 -16.27 -33.01
C ILE B 310 -2.74 -16.91 -34.39
N GLU B 311 -3.49 -16.30 -35.30
CA GLU B 311 -3.58 -16.79 -36.66
C GLU B 311 -2.23 -16.69 -37.37
N GLN B 312 -1.53 -15.57 -37.17
CA GLN B 312 -0.23 -15.36 -37.80
C GLN B 312 0.81 -16.40 -37.31
N PHE B 313 0.73 -16.78 -36.04
CA PHE B 313 1.67 -17.77 -35.52
C PHE B 313 1.37 -19.13 -36.13
N TYR B 314 0.09 -19.40 -36.32
CA TYR B 314 -0.30 -20.65 -36.93
C TYR B 314 0.27 -20.73 -38.37
N ARG B 315 0.21 -19.60 -39.11
CA ARG B 315 0.76 -19.57 -40.47
C ARG B 315 2.26 -19.83 -40.43
N TYR B 316 2.91 -19.24 -39.42
CA TYR B 316 4.34 -19.42 -39.27
C TYR B 316 4.67 -20.89 -39.14
N VAL B 317 3.96 -21.57 -38.25
CA VAL B 317 4.20 -23.00 -38.06
C VAL B 317 3.97 -23.76 -39.35
N GLN B 318 2.87 -23.48 -40.02
CA GLN B 318 2.57 -24.21 -41.22
C GLN B 318 3.62 -23.95 -42.33
N GLU B 319 4.12 -22.73 -42.42
CA GLU B 319 5.08 -22.43 -43.47
C GLU B 319 6.52 -22.82 -43.14
N ASN B 320 6.87 -22.97 -41.87
CA ASN B 320 8.30 -23.21 -41.58
C ASN B 320 8.60 -24.54 -40.92
N ARG B 321 7.59 -25.33 -40.64
CA ARG B 321 7.92 -26.59 -39.99
C ARG B 321 8.64 -27.55 -40.95
N ALA B 322 8.22 -27.61 -42.22
CA ALA B 322 8.80 -28.59 -43.14
C ALA B 322 10.31 -28.48 -43.25
N ASP B 323 10.88 -27.27 -43.19
CA ASP B 323 12.33 -27.17 -43.30
C ASP B 323 13.01 -27.14 -41.92
N GLY B 324 12.26 -27.44 -40.84
CA GLY B 324 12.86 -27.46 -39.52
C GLY B 324 13.09 -26.05 -38.91
N TYR B 325 12.28 -25.07 -39.29
CA TYR B 325 12.35 -23.72 -38.71
C TYR B 325 13.74 -23.08 -38.91
N GLN B 326 14.24 -23.09 -40.14
CA GLN B 326 15.55 -22.48 -40.47
C GLN B 326 15.53 -20.97 -40.19
N THR B 327 14.34 -20.36 -40.27
CA THR B 327 14.15 -18.93 -40.02
C THR B 327 13.22 -18.75 -38.79
N PRO B 328 13.61 -17.94 -37.79
CA PRO B 328 12.78 -17.76 -36.60
C PRO B 328 11.55 -16.87 -36.81
N TRP B 329 10.67 -16.94 -35.83
CA TRP B 329 9.42 -16.19 -35.80
C TRP B 329 9.64 -14.68 -35.97
N SER B 330 10.55 -14.07 -35.22
CA SER B 330 10.74 -12.61 -35.31
C SER B 330 11.04 -12.17 -36.74
N VAL B 331 11.96 -12.88 -37.38
CA VAL B 331 12.37 -12.57 -38.75
C VAL B 331 11.21 -12.75 -39.75
N TRP B 332 10.58 -13.92 -39.69
CA TRP B 332 9.49 -14.23 -40.58
C TRP B 332 8.38 -13.20 -40.44
N LEU B 333 8.07 -12.83 -39.20
CA LEU B 333 7.02 -11.88 -38.89
C LEU B 333 7.30 -10.53 -39.54
N LYS B 334 8.55 -10.12 -39.52
CA LYS B 334 8.88 -8.85 -40.12
C LYS B 334 8.66 -8.88 -41.64
N SER B 335 8.90 -10.01 -42.30
CA SER B 335 8.67 -10.05 -43.75
C SER B 335 7.22 -10.47 -44.10
N HIS B 336 6.48 -10.92 -43.10
CA HIS B 336 5.08 -11.30 -43.26
C HIS B 336 4.26 -10.64 -42.14
N PRO B 337 4.23 -9.30 -42.12
CA PRO B 337 3.52 -8.55 -41.09
C PRO B 337 2.05 -8.90 -41.00
N ALA B 338 1.55 -8.91 -39.77
CA ALA B 338 0.14 -9.20 -39.56
C ALA B 338 -0.67 -7.97 -39.88
N LYS B 339 -1.93 -8.12 -40.25
CA LYS B 339 -2.71 -6.92 -40.48
C LYS B 339 -3.99 -6.89 -39.63
N ALA B 340 -4.34 -5.70 -39.17
CA ALA B 340 -5.55 -5.50 -38.38
C ALA B 340 -6.75 -6.05 -39.14
CL CL C . 14.36 14.79 21.33
C1 GOL D . 0.73 33.39 24.63
O1 GOL D . -0.40 32.63 25.10
C2 GOL D . 1.31 34.22 25.78
O2 GOL D . 0.30 35.12 26.30
C3 GOL D . 1.76 33.29 26.88
O3 GOL D . 2.31 34.05 27.96
C1 GOL E . -12.09 4.63 25.52
O1 GOL E . -13.09 4.69 26.56
C2 GOL E . -12.26 5.77 24.49
O2 GOL E . -13.55 5.70 23.87
C3 GOL E . -12.14 7.13 25.13
O3 GOL E . -12.31 8.10 24.10
C1 GOL F . 8.05 -31.74 -25.42
O1 GOL F . 6.71 -31.45 -25.78
C2 GOL F . 8.81 -32.38 -26.58
O2 GOL F . 8.18 -33.64 -26.96
C3 GOL F . 8.82 -31.46 -27.79
O3 GOL F . 9.56 -32.12 -28.83
C1 GOL G . -7.11 -3.74 -34.29
O1 GOL G . -5.86 -3.09 -34.33
C2 GOL G . -6.99 -4.99 -35.10
O2 GOL G . -5.91 -5.81 -34.52
C3 GOL G . -8.35 -5.71 -35.07
O3 GOL G . -8.33 -6.93 -35.84
C1 GOL H . -14.01 -9.24 -23.10
O1 GOL H . -14.95 -9.79 -24.02
C2 GOL H . -13.57 -10.29 -22.09
O2 GOL H . -14.70 -10.75 -21.35
C3 GOL H . -12.92 -11.49 -22.77
O3 GOL H . -12.55 -12.42 -21.75
#